data_5JUF
#
_entry.id   5JUF
#
_cell.length_a   61.820
_cell.length_b   141.680
_cell.length_c   78.550
_cell.angle_alpha   90.00
_cell.angle_beta   90.00
_cell.angle_gamma   90.00
#
_symmetry.space_group_name_H-M   'C 2 2 2'
#
loop_
_entity.id
_entity.type
_entity.pdbx_description
1 polymer 'Transcriptional regulator'
2 non-polymer 'SULFATE ION'
3 water water
#
_entity_poly.entity_id   1
_entity_poly.type   'polypeptide(L)'
_entity_poly.pdbx_seq_one_letter_code
;MNLKDSIGLRIKTERERQQMSREVLCLDGAELTVRQLIRIEKGESLPSLDRLSYIAKRLGKSMTELLDQDNITIPDEYYE
MKNRLIKFPTYRNPDRIKSKLTLIEEVYEKFFDILPEEELLTLDILENILSFTSWEESPKVEEIYEDLFEQVKRKRKFST
NDLLVIDYYFFHLYGRKQYDKKLFERIIKRVLNQEIWTDDVYNIVLFNDLMAIAALKIFHNSFSDFLTVVDKALAVIEKS
QLYSYKPSVFVLKAKYELLHKENKKEAAENYDKAIVFASVLEDSVLEESIKAGKLADGLGAGWSHPQFEK
;
_entity_poly.pdbx_strand_id   A
#
loop_
_chem_comp.id
_chem_comp.type
_chem_comp.name
_chem_comp.formula
SO4 non-polymer 'SULFATE ION' 'O4 S -2'
#
# COMPACT_ATOMS: atom_id res chain seq x y z
N MET A 1 30.92 -5.32 -8.58
CA MET A 1 30.62 -4.33 -7.56
C MET A 1 29.75 -3.23 -8.16
N ASN A 2 28.67 -2.89 -7.48
CA ASN A 2 27.76 -1.85 -7.97
C ASN A 2 27.60 -0.77 -6.90
N LEU A 3 26.62 0.11 -7.13
CA LEU A 3 26.33 1.18 -6.18
C LEU A 3 25.99 0.64 -4.80
N LYS A 4 25.14 -0.39 -4.76
CA LYS A 4 24.72 -0.96 -3.48
C LYS A 4 25.93 -1.49 -2.69
N ASP A 5 26.84 -2.20 -3.38
CA ASP A 5 28.03 -2.73 -2.71
C ASP A 5 28.93 -1.62 -2.16
N SER A 6 29.09 -0.54 -2.91
CA SER A 6 30.06 0.50 -2.53
C SER A 6 29.61 1.23 -1.27
N ILE A 7 28.34 1.67 -1.28
CA ILE A 7 27.77 2.35 -0.11
C ILE A 7 27.70 1.41 1.09
N GLY A 8 27.24 0.18 0.87
CA GLY A 8 27.16 -0.77 1.97
C GLY A 8 28.50 -1.01 2.64
N LEU A 9 29.55 -1.19 1.83
CA LEU A 9 30.87 -1.41 2.38
C LEU A 9 31.36 -0.20 3.18
N ARG A 10 31.09 1.00 2.69
CA ARG A 10 31.47 2.23 3.39
C ARG A 10 30.78 2.32 4.75
N ILE A 11 29.49 2.02 4.79
CA ILE A 11 28.74 2.05 6.05
C ILE A 11 29.28 1.01 7.03
N LYS A 12 29.44 -0.24 6.56
CA LYS A 12 29.94 -1.30 7.42
C LYS A 12 31.33 -0.99 7.95
N THR A 13 32.23 -0.53 7.07
CA THR A 13 33.60 -0.22 7.52
C THR A 13 33.58 0.84 8.62
N GLU A 14 32.74 1.86 8.50
CA GLU A 14 32.74 2.91 9.52
C GLU A 14 32.07 2.42 10.80
N ARG A 15 30.93 1.72 10.68
CA ARG A 15 30.32 1.14 11.88
C ARG A 15 31.32 0.28 12.64
N GLU A 16 32.04 -0.59 11.93
CA GLU A 16 33.00 -1.46 12.61
C GLU A 16 34.18 -0.66 13.16
N ARG A 17 34.64 0.37 12.42
CA ARG A 17 35.70 1.23 12.95
C ARG A 17 35.30 1.83 14.29
N GLN A 18 34.03 2.21 14.44
CA GLN A 18 33.54 2.76 15.71
C GLN A 18 33.19 1.68 16.72
N GLN A 19 33.44 0.41 16.40
CA GLN A 19 33.14 -0.72 17.30
C GLN A 19 31.67 -0.69 17.73
N MET A 20 30.80 -0.31 16.82
CA MET A 20 29.38 -0.18 17.09
C MET A 20 28.65 -1.40 16.56
N SER A 21 27.78 -1.97 17.38
CA SER A 21 26.98 -3.10 16.93
C SER A 21 25.79 -2.61 16.11
N ARG A 22 25.25 -3.53 15.30
CA ARG A 22 24.04 -3.22 14.54
C ARG A 22 22.89 -2.86 15.49
N GLU A 23 22.79 -3.55 16.63
CA GLU A 23 21.68 -3.29 17.53
C GLU A 23 21.77 -1.88 18.11
N VAL A 24 22.98 -1.46 18.46
CA VAL A 24 23.18 -0.09 18.94
C VAL A 24 22.86 0.91 17.85
N LEU A 25 23.30 0.66 16.61
CA LEU A 25 23.03 1.63 15.54
C LEU A 25 21.52 1.75 15.30
N CYS A 26 20.79 0.62 15.31
CA CYS A 26 19.39 0.64 14.92
C CYS A 26 18.41 1.02 16.03
N LEU A 27 18.87 1.14 17.28
CA LEU A 27 18.00 1.57 18.40
C LEU A 27 16.72 0.73 18.47
N ASP A 28 15.53 1.32 18.41
CA ASP A 28 14.32 0.51 18.54
C ASP A 28 13.80 -0.02 17.20
N GLY A 29 14.55 0.14 16.12
CA GLY A 29 14.13 -0.31 14.81
C GLY A 29 13.05 0.52 14.13
N ALA A 30 12.64 1.65 14.73
CA ALA A 30 11.58 2.47 14.14
C ALA A 30 11.98 3.03 12.78
N GLU A 31 13.26 3.33 12.60
CA GLU A 31 13.77 3.93 11.37
C GLU A 31 14.65 2.98 10.57
N LEU A 32 15.28 2.00 11.23
CA LEU A 32 16.15 1.06 10.55
C LEU A 32 16.22 -0.20 11.39
N THR A 33 15.91 -1.35 10.77
CA THR A 33 16.00 -2.61 11.51
C THR A 33 17.36 -3.27 11.25
N VAL A 34 17.70 -4.22 12.11
CA VAL A 34 18.97 -4.92 11.94
C VAL A 34 19.02 -5.65 10.61
N ARG A 35 17.95 -6.36 10.24
CA ARG A 35 17.96 -7.04 8.94
C ARG A 35 18.07 -6.05 7.78
N GLN A 36 17.42 -4.89 7.88
CA GLN A 36 17.57 -3.86 6.86
C GLN A 36 19.01 -3.38 6.76
N LEU A 37 19.67 -3.20 7.92
CA LEU A 37 21.06 -2.76 7.89
C LEU A 37 21.96 -3.84 7.33
N ILE A 38 21.71 -5.11 7.66
CA ILE A 38 22.51 -6.22 7.10
C ILE A 38 22.43 -6.21 5.57
N ARG A 39 21.23 -6.07 5.04
CA ARG A 39 21.06 -6.09 3.59
C ARG A 39 21.77 -4.90 2.93
N ILE A 40 21.75 -3.73 3.59
CA ILE A 40 22.50 -2.60 3.07
C ILE A 40 23.99 -2.90 3.07
N GLU A 41 24.52 -3.37 4.21
CA GLU A 41 25.96 -3.58 4.32
C GLU A 41 26.45 -4.68 3.38
N LYS A 42 25.62 -5.69 3.11
CA LYS A 42 25.99 -6.73 2.16
C LYS A 42 25.86 -6.30 0.69
N GLY A 43 25.36 -5.09 0.43
CA GLY A 43 25.13 -4.68 -0.94
C GLY A 43 23.87 -5.24 -1.59
N GLU A 44 23.00 -5.90 -0.82
CA GLU A 44 21.78 -6.46 -1.39
C GLU A 44 20.69 -5.39 -1.57
N SER A 45 20.70 -4.36 -0.72
CA SER A 45 19.73 -3.30 -0.78
C SER A 45 20.45 -1.96 -0.79
N LEU A 46 19.88 -1.02 -1.47
CA LEU A 46 20.31 0.36 -1.41
C LEU A 46 19.54 1.08 -0.31
N PRO A 47 20.19 1.98 0.41
CA PRO A 47 19.45 2.78 1.40
C PRO A 47 18.68 3.90 0.74
N SER A 48 17.46 4.13 1.22
CA SER A 48 16.74 5.32 0.82
C SER A 48 17.40 6.54 1.45
N LEU A 49 17.03 7.72 0.92
CA LEU A 49 17.46 8.97 1.53
C LEU A 49 17.22 8.98 3.04
N ASP A 50 16.04 8.52 3.46
CA ASP A 50 15.69 8.54 4.88
C ASP A 50 16.59 7.59 5.68
N ARG A 51 16.79 6.36 5.20
CA ARG A 51 17.67 5.43 5.91
C ARG A 51 19.11 5.93 5.93
N LEU A 52 19.58 6.47 4.80
CA LEU A 52 20.94 7.00 4.75
C LEU A 52 21.11 8.15 5.73
N SER A 53 20.13 9.05 5.81
CA SER A 53 20.20 10.16 6.76
C SER A 53 20.25 9.65 8.20
N TYR A 54 19.43 8.65 8.52
CA TYR A 54 19.48 8.04 9.85
C TYR A 54 20.85 7.43 10.14
N ILE A 55 21.38 6.65 9.20
CA ILE A 55 22.66 5.99 9.41
C ILE A 55 23.78 7.02 9.60
N ALA A 56 23.76 8.08 8.79
CA ALA A 56 24.80 9.09 8.88
C ALA A 56 24.75 9.77 10.25
N LYS A 57 23.54 10.07 10.72
CA LYS A 57 23.39 10.67 12.04
C LYS A 57 23.94 9.75 13.14
N ARG A 58 23.60 8.45 13.08
CA ARG A 58 24.09 7.51 14.09
C ARG A 58 25.61 7.37 14.06
N LEU A 59 26.22 7.46 12.86
CA LEU A 59 27.66 7.35 12.72
C LEU A 59 28.38 8.67 12.91
N GLY A 60 27.66 9.77 13.09
CA GLY A 60 28.31 11.07 13.12
C GLY A 60 29.01 11.42 11.83
N LYS A 61 28.44 11.01 10.70
CA LYS A 61 28.99 11.30 9.38
C LYS A 61 27.98 12.14 8.61
N SER A 62 28.45 12.85 7.59
CA SER A 62 27.50 13.45 6.66
C SER A 62 27.10 12.43 5.62
N MET A 63 25.93 12.66 5.00
CA MET A 63 25.54 11.83 3.88
C MET A 63 26.58 11.92 2.76
N THR A 64 27.19 13.09 2.59
CA THR A 64 28.23 13.25 1.58
C THR A 64 29.39 12.30 1.81
N GLU A 65 29.86 12.21 3.06
CA GLU A 65 30.95 11.29 3.37
C GLU A 65 30.57 9.86 3.04
N LEU A 66 29.37 9.44 3.45
CA LEU A 66 28.97 8.06 3.19
C LEU A 66 28.78 7.79 1.70
N LEU A 67 28.53 8.83 0.91
CA LEU A 67 28.32 8.64 -0.52
C LEU A 67 29.62 8.72 -1.31
N ASP A 68 30.58 9.52 -0.83
CA ASP A 68 31.77 9.85 -1.60
C ASP A 68 31.34 10.35 -2.97
N GLN A 69 31.73 9.66 -4.04
CA GLN A 69 31.34 10.04 -5.39
C GLN A 69 30.13 9.26 -5.90
N ASP A 70 29.53 8.43 -5.05
CA ASP A 70 28.33 7.69 -5.46
C ASP A 70 27.12 8.62 -5.51
N ASN A 71 26.24 8.35 -6.46
CA ASN A 71 25.06 9.17 -6.71
C ASN A 71 23.83 8.28 -6.56
N ILE A 72 23.02 8.52 -5.53
CA ILE A 72 21.80 7.76 -5.33
C ILE A 72 20.57 8.52 -5.83
N THR A 73 20.75 9.54 -6.66
CA THR A 73 19.61 10.29 -7.18
C THR A 73 18.69 9.35 -7.96
N ILE A 74 17.42 9.30 -7.58
CA ILE A 74 16.42 8.50 -8.28
C ILE A 74 15.87 9.37 -9.42
N PRO A 75 15.98 8.94 -10.67
CA PRO A 75 15.50 9.78 -11.78
C PRO A 75 14.01 10.05 -11.66
N ASP A 76 13.61 11.26 -12.03
CA ASP A 76 12.20 11.61 -11.92
C ASP A 76 11.34 10.71 -12.81
N GLU A 77 11.92 10.17 -13.88
CA GLU A 77 11.17 9.25 -14.73
C GLU A 77 10.69 8.02 -13.97
N TYR A 78 11.41 7.59 -12.92
CA TYR A 78 10.92 6.48 -12.12
C TYR A 78 9.59 6.82 -11.48
N TYR A 79 9.53 7.98 -10.82
CA TYR A 79 8.31 8.39 -10.12
C TYR A 79 7.18 8.65 -11.11
N GLU A 80 7.50 9.27 -12.25
CA GLU A 80 6.53 9.42 -13.33
C GLU A 80 5.90 8.08 -13.71
N MET A 81 6.73 7.04 -13.90
CA MET A 81 6.16 5.75 -14.31
C MET A 81 5.43 5.08 -13.15
N LYS A 82 5.95 5.19 -11.93
CA LYS A 82 5.27 4.61 -10.78
C LYS A 82 3.90 5.26 -10.59
N ASN A 83 3.86 6.60 -10.65
CA ASN A 83 2.59 7.31 -10.55
C ASN A 83 1.63 6.90 -11.66
N ARG A 84 2.11 6.84 -12.89
CA ARG A 84 1.25 6.44 -14.00
C ARG A 84 0.64 5.07 -13.74
N LEU A 85 1.41 4.12 -13.21
CA LEU A 85 0.84 2.79 -13.08
C LEU A 85 -0.09 2.67 -11.87
N ILE A 86 0.13 3.47 -10.82
CA ILE A 86 -0.85 3.51 -9.74
C ILE A 86 -2.15 4.12 -10.20
N LYS A 87 -2.09 5.14 -11.06
CA LYS A 87 -3.31 5.74 -11.59
C LYS A 87 -3.90 4.94 -12.74
N PHE A 88 -3.32 3.80 -13.09
CA PHE A 88 -3.85 2.96 -14.17
C PHE A 88 -4.86 1.96 -13.61
N PRO A 89 -6.15 2.20 -13.78
CA PRO A 89 -7.14 1.29 -13.18
C PRO A 89 -7.36 0.05 -14.03
N THR A 90 -7.41 -1.10 -13.37
CA THR A 90 -7.65 -2.35 -14.09
C THR A 90 -9.13 -2.58 -14.34
N TYR A 91 -9.99 -2.13 -13.45
CA TYR A 91 -11.43 -2.40 -13.50
C TYR A 91 -11.71 -3.91 -13.53
N ARG A 92 -10.83 -4.69 -12.93
CA ARG A 92 -10.95 -6.15 -12.91
C ARG A 92 -10.93 -6.75 -14.32
N ASN A 93 -10.52 -5.97 -15.31
CA ASN A 93 -10.39 -6.44 -16.69
C ASN A 93 -9.08 -7.22 -16.81
N PRO A 94 -9.12 -8.53 -17.12
CA PRO A 94 -7.87 -9.31 -17.17
C PRO A 94 -6.83 -8.75 -18.12
N ASP A 95 -7.24 -8.19 -19.26
CA ASP A 95 -6.28 -7.60 -20.19
C ASP A 95 -5.58 -6.39 -19.56
N ARG A 96 -6.32 -5.58 -18.80
CA ARG A 96 -5.71 -4.43 -18.13
C ARG A 96 -4.88 -4.85 -16.93
N ILE A 97 -5.28 -5.94 -16.24
CA ILE A 97 -4.43 -6.46 -15.18
C ILE A 97 -3.08 -6.87 -15.74
N LYS A 98 -3.10 -7.56 -16.89
CA LYS A 98 -1.85 -8.01 -17.50
C LYS A 98 -1.00 -6.83 -17.96
N SER A 99 -1.63 -5.80 -18.55
CA SER A 99 -0.89 -4.60 -18.94
C SER A 99 -0.23 -3.93 -17.74
N LYS A 100 -0.97 -3.83 -16.62
CA LYS A 100 -0.44 -3.17 -15.43
C LYS A 100 0.73 -3.95 -14.86
N LEU A 101 0.61 -5.28 -14.82
CA LEU A 101 1.74 -6.11 -14.39
C LEU A 101 2.95 -5.91 -15.30
N THR A 102 2.72 -5.80 -16.61
CA THR A 102 3.83 -5.52 -17.52
C THR A 102 4.51 -4.20 -17.20
N LEU A 103 3.72 -3.15 -16.90
CA LEU A 103 4.30 -1.86 -16.50
C LEU A 103 5.14 -1.98 -15.24
N ILE A 104 4.67 -2.75 -14.26
CA ILE A 104 5.39 -2.89 -13.01
C ILE A 104 6.77 -3.51 -13.25
N GLU A 105 6.81 -4.58 -14.04
CA GLU A 105 8.07 -5.25 -14.33
C GLU A 105 9.00 -4.35 -15.13
N GLU A 106 8.43 -3.55 -16.05
CA GLU A 106 9.22 -2.61 -16.85
C GLU A 106 9.96 -1.62 -15.94
N VAL A 107 9.25 -1.04 -14.99
CA VAL A 107 9.87 -0.04 -14.12
C VAL A 107 10.86 -0.71 -13.17
N TYR A 108 10.49 -1.86 -12.64
CA TYR A 108 11.34 -2.61 -11.71
C TYR A 108 12.69 -2.92 -12.34
N GLU A 109 12.67 -3.45 -13.58
CA GLU A 109 13.90 -3.81 -14.26
C GLU A 109 14.70 -2.58 -14.70
N LYS A 110 14.01 -1.56 -15.21
CA LYS A 110 14.72 -0.39 -15.70
C LYS A 110 15.47 0.33 -14.58
N PHE A 111 14.91 0.35 -13.37
CA PHE A 111 15.47 1.15 -12.30
C PHE A 111 16.01 0.32 -11.15
N PHE A 112 16.06 -1.00 -11.30
CA PHE A 112 16.43 -1.88 -10.19
C PHE A 112 17.68 -1.40 -9.45
N ASP A 113 18.73 -1.06 -10.20
CA ASP A 113 20.03 -0.82 -9.57
C ASP A 113 20.08 0.49 -8.79
N ILE A 114 19.12 1.39 -9.00
CA ILE A 114 19.11 2.71 -8.34
C ILE A 114 17.98 2.83 -7.32
N LEU A 115 17.13 1.76 -7.14
CA LEU A 115 16.01 1.91 -6.20
C LEU A 115 16.34 1.36 -4.82
N PRO A 116 15.92 2.07 -3.77
CA PRO A 116 16.05 1.54 -2.42
C PRO A 116 15.05 0.41 -2.17
N GLU A 117 15.32 -0.33 -1.10
CA GLU A 117 14.52 -1.50 -0.75
C GLU A 117 13.03 -1.17 -0.62
N GLU A 118 12.69 -0.02 -0.05
CA GLU A 118 11.28 0.34 0.14
C GLU A 118 10.54 0.45 -1.20
N GLU A 119 11.19 1.02 -2.21
CA GLU A 119 10.53 1.18 -3.50
C GLU A 119 10.36 -0.16 -4.20
N LEU A 120 11.40 -0.99 -4.19
CA LEU A 120 11.27 -2.31 -4.79
C LEU A 120 10.17 -3.11 -4.11
N LEU A 121 10.05 -3.01 -2.79
CA LEU A 121 9.00 -3.74 -2.10
C LEU A 121 7.61 -3.25 -2.52
N THR A 122 7.45 -1.94 -2.64
CA THR A 122 6.23 -1.34 -3.18
C THR A 122 5.83 -1.96 -4.51
N LEU A 123 6.79 -2.14 -5.42
CA LEU A 123 6.50 -2.75 -6.71
C LEU A 123 6.15 -4.23 -6.56
N ASP A 124 6.86 -4.95 -5.67
CA ASP A 124 6.57 -6.37 -5.44
C ASP A 124 5.18 -6.56 -4.86
N ILE A 125 4.76 -5.65 -3.96
CA ILE A 125 3.42 -5.69 -3.38
C ILE A 125 2.36 -5.57 -4.48
N LEU A 126 2.49 -4.55 -5.33
CA LEU A 126 1.53 -4.34 -6.42
C LEU A 126 1.48 -5.57 -7.34
N GLU A 127 2.64 -6.13 -7.66
CA GLU A 127 2.65 -7.31 -8.52
C GLU A 127 1.95 -8.49 -7.85
N ASN A 128 2.24 -8.74 -6.58
CA ASN A 128 1.67 -9.90 -5.91
C ASN A 128 0.16 -9.74 -5.71
N ILE A 129 -0.29 -8.54 -5.31
CA ILE A 129 -1.71 -8.31 -5.12
C ILE A 129 -2.45 -8.45 -6.46
N LEU A 130 -1.92 -7.81 -7.51
CA LEU A 130 -2.59 -7.82 -8.81
C LEU A 130 -2.61 -9.19 -9.43
N SER A 131 -1.55 -9.97 -9.26
CA SER A 131 -1.52 -11.32 -9.80
C SER A 131 -2.14 -12.34 -8.85
N PHE A 132 -2.64 -11.90 -7.69
CA PHE A 132 -3.18 -12.79 -6.67
C PHE A 132 -2.19 -13.91 -6.34
N THR A 133 -0.95 -13.51 -6.16
CA THR A 133 0.11 -14.41 -5.74
C THR A 133 0.09 -14.52 -4.23
N SER A 134 -0.01 -15.74 -3.72
CA SER A 134 0.00 -15.94 -2.27
C SER A 134 1.26 -15.38 -1.65
N TRP A 135 1.11 -14.61 -0.57
CA TRP A 135 2.29 -14.09 0.10
C TRP A 135 3.16 -15.21 0.65
N GLU A 136 2.57 -16.38 0.92
CA GLU A 136 3.34 -17.52 1.42
C GLU A 136 4.32 -18.06 0.38
N GLU A 137 4.09 -17.80 -0.91
CA GLU A 137 4.97 -18.26 -1.96
C GLU A 137 6.03 -17.23 -2.33
N SER A 138 6.15 -16.16 -1.56
CA SER A 138 7.07 -15.06 -1.88
C SER A 138 7.94 -14.75 -0.66
N PRO A 139 8.86 -15.66 -0.30
CA PRO A 139 9.52 -15.53 1.02
C PRO A 139 10.51 -14.39 1.14
N LYS A 140 11.21 -14.01 0.08
CA LYS A 140 12.12 -12.87 0.20
C LYS A 140 11.34 -11.57 0.32
N VAL A 141 10.28 -11.41 -0.48
CA VAL A 141 9.39 -10.26 -0.31
C VAL A 141 8.82 -10.25 1.10
N GLU A 142 8.43 -11.43 1.62
CA GLU A 142 7.82 -11.49 2.95
C GLU A 142 8.79 -11.04 4.03
N GLU A 143 10.05 -11.46 3.95
CA GLU A 143 11.02 -11.06 4.96
C GLU A 143 11.18 -9.54 4.98
N ILE A 144 11.21 -8.91 3.80
CA ILE A 144 11.36 -7.46 3.72
C ILE A 144 10.08 -6.78 4.19
N TYR A 145 8.93 -7.26 3.73
CA TYR A 145 7.65 -6.76 4.22
C TYR A 145 7.55 -6.78 5.74
N GLU A 146 7.99 -7.88 6.39
CA GLU A 146 7.82 -8.01 7.84
C GLU A 146 8.38 -6.80 8.56
N ASP A 147 9.60 -6.40 8.23
CA ASP A 147 10.24 -5.30 8.94
C ASP A 147 9.62 -3.96 8.56
N LEU A 148 9.25 -3.78 7.29
CA LEU A 148 8.59 -2.53 6.93
C LEU A 148 7.26 -2.39 7.65
N PHE A 149 6.53 -3.50 7.81
CA PHE A 149 5.26 -3.42 8.54
C PHE A 149 5.46 -3.18 10.02
N GLU A 150 6.51 -3.76 10.63
CA GLU A 150 6.82 -3.43 12.02
C GLU A 150 7.05 -1.92 12.18
N GLN A 151 7.65 -1.29 11.18
CA GLN A 151 7.84 0.16 11.22
C GLN A 151 6.55 0.90 10.95
N VAL A 152 5.77 0.48 9.96
CA VAL A 152 4.55 1.21 9.62
C VAL A 152 3.52 1.12 10.74
N LYS A 153 3.44 -0.05 11.40
CA LYS A 153 2.41 -0.22 12.42
C LYS A 153 2.62 0.68 13.63
N ARG A 154 3.81 1.27 13.78
CA ARG A 154 4.06 2.24 14.84
C ARG A 154 3.75 3.67 14.43
N LYS A 155 3.55 3.94 13.14
CA LYS A 155 3.33 5.29 12.62
C LYS A 155 1.86 5.72 12.74
N ARG A 156 1.65 7.04 12.79
CA ARG A 156 0.32 7.62 12.72
C ARG A 156 0.07 8.41 11.45
N LYS A 157 1.12 8.83 10.75
CA LYS A 157 1.02 9.52 9.46
C LYS A 157 1.62 8.61 8.40
N PHE A 158 0.85 8.27 7.38
CA PHE A 158 1.25 7.26 6.39
C PHE A 158 1.56 7.95 5.05
N SER A 159 2.73 7.65 4.49
CA SER A 159 3.02 8.01 3.10
C SER A 159 2.27 7.09 2.14
N THR A 160 2.37 7.37 0.83
CA THR A 160 1.85 6.42 -0.17
C THR A 160 2.44 5.04 0.01
N ASN A 161 3.76 4.95 0.19
CA ASN A 161 4.40 3.65 0.37
C ASN A 161 3.89 2.95 1.62
N ASP A 162 3.68 3.70 2.70
CA ASP A 162 3.12 3.11 3.92
C ASP A 162 1.76 2.51 3.65
N LEU A 163 0.91 3.23 2.89
CA LEU A 163 -0.43 2.71 2.62
C LEU A 163 -0.37 1.46 1.76
N LEU A 164 0.66 1.31 0.93
CA LEU A 164 0.81 0.08 0.15
C LEU A 164 1.30 -1.08 1.02
N VAL A 165 2.19 -0.81 1.97
CA VAL A 165 2.52 -1.84 2.96
C VAL A 165 1.26 -2.26 3.70
N ILE A 166 0.43 -1.28 4.07
CA ILE A 166 -0.82 -1.58 4.77
C ILE A 166 -1.77 -2.39 3.88
N ASP A 167 -1.80 -2.08 2.58
CA ASP A 167 -2.58 -2.88 1.64
C ASP A 167 -2.09 -4.33 1.62
N TYR A 168 -0.77 -4.54 1.67
CA TYR A 168 -0.26 -5.92 1.69
C TYR A 168 -0.62 -6.63 2.99
N TYR A 169 -0.68 -5.89 4.10
CA TYR A 169 -1.19 -6.44 5.35
C TYR A 169 -2.65 -6.89 5.21
N PHE A 170 -3.50 -6.05 4.60
CA PHE A 170 -4.89 -6.47 4.36
C PHE A 170 -4.93 -7.71 3.47
N PHE A 171 -4.03 -7.80 2.49
CA PHE A 171 -3.90 -8.99 1.64
C PHE A 171 -3.60 -10.24 2.47
N HIS A 172 -2.78 -10.10 3.54
CA HIS A 172 -2.57 -11.25 4.44
C HIS A 172 -3.86 -11.66 5.15
N LEU A 173 -4.78 -10.73 5.36
CA LEU A 173 -5.99 -11.03 6.12
C LEU A 173 -7.12 -11.59 5.25
N TYR A 174 -6.97 -11.57 3.93
CA TYR A 174 -8.01 -12.01 3.02
C TYR A 174 -8.46 -13.44 3.31
N GLY A 175 -9.76 -13.62 3.55
CA GLY A 175 -10.30 -14.93 3.82
C GLY A 175 -9.82 -15.59 5.10
N ARG A 176 -9.18 -14.87 6.01
CA ARG A 176 -8.59 -15.47 7.20
C ARG A 176 -9.52 -15.31 8.40
N LYS A 177 -10.00 -16.43 8.94
CA LYS A 177 -10.87 -16.40 10.11
C LYS A 177 -10.14 -15.91 11.34
N GLN A 178 -8.86 -16.25 11.48
CA GLN A 178 -8.07 -15.87 12.64
C GLN A 178 -7.22 -14.67 12.30
N TYR A 179 -7.34 -13.61 13.11
CA TYR A 179 -6.56 -12.40 12.93
C TYR A 179 -6.52 -11.65 14.25
N ASP A 180 -5.47 -10.85 14.41
CA ASP A 180 -5.29 -10.00 15.59
C ASP A 180 -6.26 -8.82 15.47
N LYS A 181 -7.34 -8.84 16.24
CA LYS A 181 -8.38 -7.82 16.07
C LYS A 181 -7.91 -6.47 16.55
N LYS A 182 -7.09 -6.43 17.62
CA LYS A 182 -6.61 -5.15 18.14
C LYS A 182 -5.67 -4.46 17.15
N LEU A 183 -4.77 -5.20 16.52
CA LEU A 183 -3.94 -4.62 15.47
C LEU A 183 -4.79 -4.08 14.31
N PHE A 184 -5.80 -4.84 13.89
CA PHE A 184 -6.62 -4.40 12.77
C PHE A 184 -7.33 -3.10 13.09
N GLU A 185 -7.93 -3.01 14.29
CA GLU A 185 -8.61 -1.79 14.71
C GLU A 185 -7.64 -0.61 14.76
N ARG A 186 -6.44 -0.84 15.28
CA ARG A 186 -5.42 0.21 15.34
C ARG A 186 -5.07 0.70 13.93
N ILE A 187 -4.83 -0.23 13.00
CA ILE A 187 -4.52 0.17 11.62
C ILE A 187 -5.71 0.90 11.00
N ILE A 188 -6.92 0.36 11.17
CA ILE A 188 -8.14 0.97 10.61
C ILE A 188 -8.24 2.42 11.06
N LYS A 189 -8.16 2.64 12.37
CA LYS A 189 -8.36 3.98 12.93
C LYS A 189 -7.34 4.96 12.35
N ARG A 190 -6.09 4.54 12.20
CA ARG A 190 -5.09 5.47 11.69
C ARG A 190 -5.31 5.76 10.21
N VAL A 191 -5.71 4.75 9.44
CA VAL A 191 -6.00 5.00 8.03
C VAL A 191 -7.15 6.01 7.88
N LEU A 192 -8.16 5.90 8.73
CA LEU A 192 -9.30 6.82 8.67
C LEU A 192 -8.92 8.24 9.06
N ASN A 193 -7.80 8.41 9.78
CA ASN A 193 -7.33 9.72 10.22
C ASN A 193 -6.37 10.39 9.26
N GLN A 194 -5.97 9.72 8.17
CA GLN A 194 -5.10 10.36 7.18
C GLN A 194 -5.82 11.53 6.52
N GLU A 195 -5.09 12.60 6.24
CA GLU A 195 -5.76 13.71 5.58
C GLU A 195 -5.78 13.49 4.07
N ILE A 196 -6.82 14.04 3.44
CA ILE A 196 -7.03 13.92 2.00
C ILE A 196 -6.65 15.26 1.39
N TRP A 197 -5.58 15.29 0.59
CA TRP A 197 -5.13 16.50 -0.08
C TRP A 197 -5.37 16.34 -1.58
N THR A 198 -4.51 16.97 -2.39
CA THR A 198 -4.66 16.97 -3.84
C THR A 198 -3.69 16.03 -4.53
N ASP A 199 -3.22 15.00 -3.83
CA ASP A 199 -2.30 14.01 -4.39
C ASP A 199 -3.15 12.85 -4.87
N ASP A 200 -3.42 12.79 -6.17
CA ASP A 200 -4.29 11.75 -6.71
C ASP A 200 -3.69 10.37 -6.53
N VAL A 201 -2.36 10.26 -6.59
CA VAL A 201 -1.71 8.97 -6.37
C VAL A 201 -1.96 8.49 -4.95
N TYR A 202 -1.71 9.36 -3.97
CA TYR A 202 -1.98 9.03 -2.58
C TYR A 202 -3.44 8.64 -2.38
N ASN A 203 -4.34 9.46 -2.93
CA ASN A 203 -5.76 9.27 -2.69
C ASN A 203 -6.27 7.96 -3.27
N ILE A 204 -5.75 7.56 -4.44
CA ILE A 204 -6.16 6.29 -5.04
C ILE A 204 -5.74 5.13 -4.15
N VAL A 205 -4.50 5.16 -3.67
CA VAL A 205 -4.03 4.09 -2.79
C VAL A 205 -4.82 4.08 -1.49
N LEU A 206 -5.06 5.27 -0.92
CA LEU A 206 -5.92 5.38 0.25
C LEU A 206 -7.31 4.80 -0.03
N PHE A 207 -7.89 5.14 -1.19
CA PHE A 207 -9.23 4.64 -1.51
C PHE A 207 -9.25 3.11 -1.54
N ASN A 208 -8.26 2.52 -2.18
CA ASN A 208 -8.23 1.06 -2.26
C ASN A 208 -8.05 0.43 -0.88
N ASP A 209 -7.30 1.07 0.00
CA ASP A 209 -7.20 0.59 1.38
C ASP A 209 -8.55 0.67 2.09
N LEU A 210 -9.31 1.76 1.86
CA LEU A 210 -10.63 1.86 2.49
C LEU A 210 -11.55 0.75 2.00
N MET A 211 -11.50 0.42 0.70
CA MET A 211 -12.33 -0.66 0.17
C MET A 211 -11.93 -2.00 0.77
N ALA A 212 -10.62 -2.21 0.95
CA ALA A 212 -10.17 -3.44 1.60
C ALA A 212 -10.68 -3.52 3.03
N ILE A 213 -10.65 -2.39 3.75
CA ILE A 213 -11.16 -2.36 5.11
C ILE A 213 -12.65 -2.70 5.14
N ALA A 214 -13.41 -2.04 4.27
CA ALA A 214 -14.85 -2.31 4.21
C ALA A 214 -15.13 -3.79 3.93
N ALA A 215 -14.39 -4.38 2.98
CA ALA A 215 -14.64 -5.78 2.63
C ALA A 215 -14.31 -6.71 3.78
N LEU A 216 -13.22 -6.44 4.52
CA LEU A 216 -12.90 -7.28 5.67
C LEU A 216 -13.93 -7.13 6.80
N LYS A 217 -14.46 -5.91 6.98
CA LYS A 217 -15.45 -5.70 8.03
C LYS A 217 -16.73 -6.47 7.74
N ILE A 218 -17.19 -6.44 6.48
CA ILE A 218 -18.30 -7.29 6.06
C ILE A 218 -17.96 -8.75 6.32
N PHE A 219 -16.78 -9.20 5.87
CA PHE A 219 -16.37 -10.58 6.10
C PHE A 219 -16.38 -10.96 7.58
N HIS A 220 -15.87 -10.08 8.45
CA HIS A 220 -15.82 -10.38 9.89
C HIS A 220 -17.11 -10.00 10.62
N ASN A 221 -18.11 -9.50 9.91
CA ASN A 221 -19.36 -9.01 10.50
C ASN A 221 -19.10 -8.04 11.64
N SER A 222 -18.20 -7.09 11.39
CA SER A 222 -17.78 -6.10 12.39
C SER A 222 -17.99 -4.72 11.78
N PHE A 223 -19.09 -4.05 12.14
CA PHE A 223 -19.50 -2.83 11.45
C PHE A 223 -19.26 -1.56 12.25
N SER A 224 -18.49 -1.62 13.34
CA SER A 224 -18.08 -0.39 14.00
C SER A 224 -17.27 0.45 13.03
N ASP A 225 -17.54 1.76 13.02
CA ASP A 225 -16.88 2.74 12.17
C ASP A 225 -17.09 2.48 10.68
N PHE A 226 -18.06 1.63 10.30
CA PHE A 226 -18.24 1.32 8.89
C PHE A 226 -18.71 2.53 8.11
N LEU A 227 -19.62 3.32 8.69
CA LEU A 227 -20.07 4.53 8.03
C LEU A 227 -18.96 5.56 7.93
N THR A 228 -18.01 5.52 8.87
CA THR A 228 -16.81 6.36 8.77
C THR A 228 -15.97 5.98 7.56
N VAL A 229 -15.81 4.67 7.32
CA VAL A 229 -15.11 4.20 6.13
C VAL A 229 -15.83 4.67 4.86
N VAL A 230 -17.14 4.49 4.81
CA VAL A 230 -17.93 4.92 3.66
C VAL A 230 -17.74 6.42 3.41
N ASP A 231 -17.89 7.23 4.46
CA ASP A 231 -17.77 8.67 4.31
C ASP A 231 -16.38 9.09 3.84
N LYS A 232 -15.33 8.45 4.37
CA LYS A 232 -14.00 8.83 3.91
C LYS A 232 -13.77 8.41 2.46
N ALA A 233 -14.33 7.27 2.04
CA ALA A 233 -14.20 6.87 0.64
C ALA A 233 -14.89 7.88 -0.26
N LEU A 234 -16.06 8.36 0.14
CA LEU A 234 -16.77 9.35 -0.67
C LEU A 234 -16.00 10.67 -0.73
N ALA A 235 -15.34 11.04 0.36
CA ALA A 235 -14.54 12.26 0.36
C ALA A 235 -13.32 12.14 -0.57
N VAL A 236 -12.66 10.98 -0.56
CA VAL A 236 -11.59 10.74 -1.52
C VAL A 236 -12.12 10.83 -2.95
N ILE A 237 -13.26 10.19 -3.22
CA ILE A 237 -13.83 10.25 -4.57
C ILE A 237 -14.03 11.69 -4.98
N GLU A 238 -14.52 12.54 -4.07
CA GLU A 238 -14.77 13.93 -4.42
C GLU A 238 -13.47 14.69 -4.64
N LYS A 239 -12.46 14.45 -3.79
CA LYS A 239 -11.22 15.22 -3.91
C LYS A 239 -10.48 14.90 -5.20
N SER A 240 -10.46 13.63 -5.60
CA SER A 240 -9.73 13.20 -6.78
C SER A 240 -10.63 12.89 -7.98
N GLN A 241 -11.93 13.19 -7.88
CA GLN A 241 -12.88 12.96 -8.99
C GLN A 241 -12.84 11.51 -9.49
N LEU A 242 -12.90 10.57 -8.55
CA LEU A 242 -12.83 9.15 -8.90
C LEU A 242 -14.23 8.56 -9.13
N TYR A 243 -14.95 9.15 -10.09
CA TYR A 243 -16.39 8.91 -10.13
C TYR A 243 -16.74 7.48 -10.51
N SER A 244 -15.90 6.79 -11.29
CA SER A 244 -16.24 5.41 -11.65
C SER A 244 -16.23 4.48 -10.45
N TYR A 245 -15.65 4.90 -9.32
CA TYR A 245 -15.63 4.09 -8.10
C TYR A 245 -16.79 4.42 -7.17
N LYS A 246 -17.57 5.44 -7.49
CA LYS A 246 -18.66 5.81 -6.59
C LYS A 246 -19.74 4.74 -6.51
N PRO A 247 -20.16 4.08 -7.60
CA PRO A 247 -21.17 3.02 -7.41
C PRO A 247 -20.75 1.97 -6.41
N SER A 248 -19.46 1.61 -6.36
CA SER A 248 -19.02 0.57 -5.41
C SER A 248 -19.19 1.04 -3.96
N VAL A 249 -19.14 2.36 -3.73
CA VAL A 249 -19.35 2.86 -2.38
C VAL A 249 -20.82 2.82 -2.01
N PHE A 250 -21.71 3.17 -2.95
CA PHE A 250 -23.14 3.00 -2.71
C PHE A 250 -23.48 1.55 -2.42
N VAL A 251 -22.80 0.61 -3.10
CA VAL A 251 -23.00 -0.80 -2.78
C VAL A 251 -22.51 -1.10 -1.36
N LEU A 252 -21.45 -0.44 -0.89
CA LEU A 252 -21.03 -0.64 0.49
C LEU A 252 -22.11 -0.18 1.47
N LYS A 253 -22.73 0.97 1.20
CA LYS A 253 -23.79 1.43 2.08
C LYS A 253 -24.96 0.47 2.08
N ALA A 254 -25.24 -0.16 0.92
CA ALA A 254 -26.32 -1.15 0.85
C ALA A 254 -26.00 -2.35 1.72
N LYS A 255 -24.78 -2.88 1.63
CA LYS A 255 -24.37 -3.99 2.50
C LYS A 255 -24.57 -3.63 3.97
N TYR A 256 -24.16 -2.42 4.36
CA TYR A 256 -24.33 -1.98 5.74
C TYR A 256 -25.79 -2.00 6.15
N GLU A 257 -26.66 -1.43 5.31
CA GLU A 257 -28.09 -1.44 5.62
C GLU A 257 -28.63 -2.85 5.69
N LEU A 258 -28.18 -3.72 4.78
CA LEU A 258 -28.73 -5.07 4.67
C LEU A 258 -28.22 -5.99 5.78
N LEU A 259 -26.92 -5.93 6.06
CA LEU A 259 -26.29 -6.92 6.94
C LEU A 259 -26.24 -6.44 8.39
N HIS A 260 -26.03 -5.15 8.63
CA HIS A 260 -25.98 -4.63 9.99
C HIS A 260 -27.31 -4.05 10.45
N LYS A 261 -27.95 -3.21 9.63
CA LYS A 261 -29.23 -2.63 10.04
C LYS A 261 -30.41 -3.53 9.76
N GLU A 262 -30.24 -4.53 8.87
CA GLU A 262 -31.34 -5.38 8.41
C GLU A 262 -32.50 -4.53 7.92
N ASN A 263 -32.18 -3.55 7.08
CA ASN A 263 -33.14 -2.65 6.47
C ASN A 263 -33.11 -2.92 4.97
N LYS A 264 -33.98 -3.83 4.51
CA LYS A 264 -33.93 -4.22 3.10
C LYS A 264 -34.33 -3.07 2.18
N LYS A 265 -35.21 -2.18 2.65
CA LYS A 265 -35.66 -1.07 1.83
C LYS A 265 -34.53 -0.08 1.55
N GLU A 266 -33.78 0.29 2.59
CA GLU A 266 -32.68 1.21 2.40
C GLU A 266 -31.51 0.54 1.68
N ALA A 267 -31.35 -0.77 1.85
CA ALA A 267 -30.34 -1.48 1.08
C ALA A 267 -30.69 -1.46 -0.40
N ALA A 268 -31.96 -1.72 -0.73
CA ALA A 268 -32.39 -1.68 -2.13
C ALA A 268 -32.18 -0.30 -2.73
N GLU A 269 -32.51 0.75 -1.96
CA GLU A 269 -32.35 2.12 -2.44
C GLU A 269 -30.90 2.45 -2.72
N ASN A 270 -29.97 1.98 -1.87
CA ASN A 270 -28.56 2.23 -2.14
C ASN A 270 -28.06 1.44 -3.35
N TYR A 271 -28.55 0.20 -3.53
CA TYR A 271 -28.25 -0.51 -4.77
C TYR A 271 -28.77 0.27 -5.98
N ASP A 272 -29.98 0.83 -5.89
CA ASP A 272 -30.53 1.59 -7.00
C ASP A 272 -29.69 2.84 -7.31
N LYS A 273 -29.18 3.51 -6.28
CA LYS A 273 -28.30 4.65 -6.53
C LYS A 273 -27.04 4.22 -7.27
N ALA A 274 -26.46 3.08 -6.87
CA ALA A 274 -25.28 2.58 -7.56
C ALA A 274 -25.58 2.25 -9.01
N ILE A 275 -26.73 1.60 -9.25
CA ILE A 275 -27.11 1.19 -10.61
C ILE A 275 -27.34 2.40 -11.49
N VAL A 276 -28.09 3.39 -10.99
CA VAL A 276 -28.35 4.59 -11.77
C VAL A 276 -27.04 5.30 -12.11
N PHE A 277 -26.13 5.39 -11.12
CA PHE A 277 -24.84 6.04 -11.36
C PHE A 277 -24.04 5.31 -12.43
N ALA A 278 -23.92 3.97 -12.30
CA ALA A 278 -23.26 3.19 -13.35
C ALA A 278 -23.91 3.43 -14.70
N SER A 279 -25.24 3.49 -14.73
CA SER A 279 -25.96 3.67 -15.99
C SER A 279 -25.72 5.04 -16.58
N VAL A 280 -25.69 6.08 -15.73
CA VAL A 280 -25.42 7.42 -16.22
C VAL A 280 -23.97 7.54 -16.71
N LEU A 281 -23.03 6.82 -16.07
CA LEU A 281 -21.67 6.71 -16.60
C LEU A 281 -21.57 5.89 -17.88
N GLU A 282 -22.65 5.19 -18.26
CA GLU A 282 -22.66 4.30 -19.44
C GLU A 282 -21.59 3.21 -19.31
N ASP A 283 -21.43 2.68 -18.10
CA ASP A 283 -20.55 1.56 -17.82
C ASP A 283 -21.45 0.33 -17.69
N SER A 284 -21.76 -0.32 -18.82
CA SER A 284 -22.73 -1.42 -18.78
C SER A 284 -22.19 -2.63 -18.01
N VAL A 285 -20.87 -2.88 -18.09
CA VAL A 285 -20.29 -4.01 -17.36
C VAL A 285 -20.47 -3.82 -15.86
N LEU A 286 -20.18 -2.61 -15.37
CA LEU A 286 -20.41 -2.28 -13.97
C LEU A 286 -21.90 -2.32 -13.62
N GLU A 287 -22.74 -1.70 -14.46
CA GLU A 287 -24.17 -1.66 -14.17
C GLU A 287 -24.76 -3.07 -13.99
N GLU A 288 -24.45 -3.98 -14.91
CA GLU A 288 -25.00 -5.34 -14.82
C GLU A 288 -24.42 -6.11 -13.65
N SER A 289 -23.16 -5.84 -13.31
CA SER A 289 -22.54 -6.50 -12.17
C SER A 289 -23.22 -6.08 -10.86
N ILE A 290 -23.61 -4.80 -10.76
CA ILE A 290 -24.29 -4.33 -9.56
C ILE A 290 -25.73 -4.86 -9.52
N LYS A 291 -26.39 -4.88 -10.66
CA LYS A 291 -27.75 -5.44 -10.71
C LYS A 291 -27.75 -6.91 -10.29
N ALA A 292 -26.73 -7.67 -10.69
CA ALA A 292 -26.58 -9.04 -10.21
C ALA A 292 -26.40 -9.10 -8.71
N GLY A 293 -25.59 -8.18 -8.16
CA GLY A 293 -25.41 -8.15 -6.72
C GLY A 293 -26.70 -7.87 -5.98
N LYS A 294 -27.47 -6.89 -6.46
CA LYS A 294 -28.77 -6.59 -5.85
C LYS A 294 -29.66 -7.83 -5.79
N LEU A 295 -29.73 -8.58 -6.90
CA LEU A 295 -30.60 -9.75 -6.93
C LEU A 295 -30.04 -10.87 -6.06
N ALA A 296 -28.72 -11.09 -6.11
CA ALA A 296 -28.08 -12.11 -5.29
C ALA A 296 -28.28 -11.85 -3.80
N ASP A 297 -28.41 -10.59 -3.40
CA ASP A 297 -28.72 -10.25 -2.02
C ASP A 297 -30.20 -10.27 -1.70
N GLY A 298 -31.04 -10.76 -2.61
CA GLY A 298 -32.45 -10.93 -2.34
C GLY A 298 -33.28 -9.67 -2.36
N LEU A 299 -32.84 -8.62 -3.04
CA LEU A 299 -33.53 -7.33 -2.99
C LEU A 299 -34.34 -7.00 -4.25
S SO4 B . -6.52 -1.68 -9.55
O1 SO4 B . -7.47 -2.70 -9.98
O2 SO4 B . -6.80 -1.35 -8.15
O3 SO4 B . -5.16 -2.18 -9.68
O4 SO4 B . -6.67 -0.49 -10.38
S SO4 C . 10.20 -14.19 -3.52
O1 SO4 C . 9.22 -14.99 -4.23
O2 SO4 C . 9.52 -13.24 -2.63
O3 SO4 C . 11.08 -15.06 -2.74
O4 SO4 C . 11.00 -13.42 -4.48
S SO4 D . -3.88 6.30 18.11
O1 SO4 D . -4.92 6.66 19.07
O2 SO4 D . -4.40 6.46 16.75
O3 SO4 D . -2.71 7.15 18.30
O4 SO4 D . -3.50 4.90 18.33
S SO4 E . -7.73 -19.33 9.20
O1 SO4 E . -8.83 -20.27 8.99
O2 SO4 E . -8.17 -18.03 8.73
O3 SO4 E . -6.55 -19.77 8.46
O4 SO4 E . -7.41 -19.23 10.62
#